data_3GWV
#
_entry.id   3GWV
#
_cell.length_a   87.813
_cell.length_b   87.390
_cell.length_c   81.154
_cell.angle_alpha   90.000
_cell.angle_beta   95.670
_cell.angle_gamma   90.000
#
_symmetry.space_group_name_H-M   'C 1 2 1'
#
loop_
_entity.id
_entity.type
_entity.pdbx_description
1 polymer Transporter
2 non-polymer LEUCINE
3 non-polymer 'SODIUM ION'
4 non-polymer (3R)-N-methyl-3-phenyl-3-[4-(trifluoromethyl)phenoxy]propan-1-amine
5 water water
#
_entity_poly.entity_id   1
_entity_poly.type   'polypeptide(L)'
_entity_poly.pdbx_seq_one_letter_code
;MEVKREHWATRLGLILAMAGNAVGLGNFLRFPVQAAENGGGAFMIPYIIAFLLVGIPLMWIEWAMGRYGGAQGHGTTPAI
FYLLWRNRFAKILGVFGLWIPLVVAIYYVYIESWTLGFAIKFLVGLVPEPPPNATDPDSILRPFKEFLYSYIGVPKGDEP
ILKPSLFAYIVFLITMFINVSILIRGISKGIERFAKIAMPTLFILAVFLVIRVFLLETPNGTAADGLNFLWTPDFEKLKD
PGVWIAAVGQIFFTLSLGFGAIITYASYVRKDQDIVLSGLTAATLNEKAEVILGGSISIPAAVAFFGVANAVAIAKAGAF
NLGFITLPAIFSQTAGGTFLGFLWFFLLFFAGLTSSIAIMQPMIAFLEDELKLSRKHAVLWTAAIVFFSAHLVMFLNKSL
DEMDFWAGTIGVVFFGLTELIIFFWIFGADKAWEEINRGGIIKVPRIYYYVMRYITPAFLAVLLVVWAREYIPKIMEETH
WTVWITRFYIIGLFLFLTFLVFLAERRRNHESAGT
;
_entity_poly.pdbx_strand_id   A
#
# COMPACT_ATOMS: atom_id res chain seq x y z
N ARG A 5 18.68 -19.38 -7.39
CA ARG A 5 17.77 -18.27 -7.01
C ARG A 5 18.22 -17.59 -5.72
N GLU A 6 18.20 -16.26 -5.72
CA GLU A 6 18.35 -15.45 -4.52
C GLU A 6 17.40 -15.91 -3.42
N HIS A 7 17.85 -15.79 -2.18
CA HIS A 7 17.05 -16.14 -1.02
C HIS A 7 17.28 -15.14 0.10
N TRP A 8 16.30 -15.02 1.00
CA TRP A 8 16.47 -14.23 2.22
C TRP A 8 17.49 -14.93 3.11
N ALA A 9 18.46 -14.16 3.60
CA ALA A 9 19.51 -14.69 4.48
C ALA A 9 18.95 -15.15 5.82
N THR A 10 18.28 -14.24 6.52
CA THR A 10 17.82 -14.50 7.88
C THR A 10 16.31 -14.50 7.98
N ARG A 11 15.79 -15.31 8.90
CA ARG A 11 14.37 -15.35 9.23
C ARG A 11 13.83 -13.97 9.64
N LEU A 12 14.60 -13.24 10.45
CA LEU A 12 14.24 -11.90 10.93
C LEU A 12 14.14 -10.88 9.80
N GLY A 13 15.13 -10.89 8.91
CA GLY A 13 15.17 -9.99 7.77
C GLY A 13 14.04 -10.25 6.79
N LEU A 14 13.59 -11.50 6.73
CA LEU A 14 12.42 -11.89 5.95
C LEU A 14 11.17 -11.28 6.56
N ILE A 15 11.01 -11.43 7.88
CA ILE A 15 9.84 -10.91 8.60
C ILE A 15 9.74 -9.40 8.42
N LEU A 16 10.87 -8.71 8.59
CA LEU A 16 10.95 -7.26 8.50
C LEU A 16 10.80 -6.71 7.07
N ALA A 17 11.32 -7.44 6.07
CA ALA A 17 11.13 -7.08 4.67
C ALA A 17 9.67 -7.18 4.29
N MET A 18 9.03 -8.26 4.72
CA MET A 18 7.59 -8.46 4.52
C MET A 18 6.75 -7.46 5.30
N ALA A 19 7.14 -7.22 6.56
CA ALA A 19 6.48 -6.20 7.39
C ALA A 19 6.64 -4.83 6.73
N GLY A 20 7.82 -4.55 6.20
CA GLY A 20 8.10 -3.34 5.46
C GLY A 20 7.28 -3.22 4.17
N ASN A 21 7.09 -4.34 3.48
CA ASN A 21 6.19 -4.44 2.32
C ASN A 21 4.81 -3.92 2.71
N ALA A 22 4.27 -4.47 3.80
CA ALA A 22 2.93 -4.15 4.27
C ALA A 22 2.83 -2.81 4.98
N VAL A 23 3.76 -2.49 5.89
CA VAL A 23 3.68 -1.26 6.68
C VAL A 23 4.13 -0.05 5.86
N GLY A 24 3.18 0.75 5.40
CA GLY A 24 3.53 1.88 4.54
C GLY A 24 2.63 3.09 4.67
N LEU A 25 2.54 3.86 3.59
CA LEU A 25 1.66 5.02 3.52
C LEU A 25 0.22 4.67 3.88
N GLY A 26 -0.19 3.44 3.61
CA GLY A 26 -1.55 2.98 3.94
C GLY A 26 -1.90 3.05 5.42
N ASN A 27 -0.92 2.74 6.28
CA ASN A 27 -1.10 2.76 7.73
C ASN A 27 -1.28 4.16 8.32
N PHE A 28 -0.53 5.12 7.80
CA PHE A 28 -0.45 6.43 8.42
C PHE A 28 -1.27 7.48 7.69
N LEU A 29 -1.58 7.23 6.41
CA LEU A 29 -2.35 8.17 5.59
C LEU A 29 -3.74 7.69 5.20
N ARG A 30 -3.82 6.45 4.70
CA ARG A 30 -5.07 5.92 4.15
C ARG A 30 -6.01 5.46 5.26
N PHE A 31 -5.49 4.66 6.20
CA PHE A 31 -6.28 4.15 7.31
C PHE A 31 -7.05 5.21 8.11
N PRO A 32 -6.36 6.27 8.60
CA PRO A 32 -7.09 7.24 9.42
C PRO A 32 -8.24 7.91 8.66
N VAL A 33 -8.01 8.26 7.40
CA VAL A 33 -9.02 8.88 6.56
C VAL A 33 -10.21 7.94 6.34
N GLN A 34 -9.92 6.66 6.12
CA GLN A 34 -10.93 5.61 5.95
C GLN A 34 -11.75 5.38 7.22
N ALA A 35 -11.06 5.36 8.35
CA ALA A 35 -11.72 5.16 9.65
C ALA A 35 -12.58 6.36 10.06
N ALA A 36 -12.11 7.57 9.79
CA ALA A 36 -12.82 8.79 10.19
C ALA A 36 -14.08 9.06 9.36
N GLU A 37 -14.04 8.67 8.08
CA GLU A 37 -15.16 8.83 7.16
C GLU A 37 -16.30 7.84 7.46
N ASN A 38 -15.95 6.72 8.07
CA ASN A 38 -16.88 5.61 8.27
C ASN A 38 -17.21 5.36 9.74
N GLY A 39 -17.36 6.44 10.49
CA GLY A 39 -17.86 6.38 11.87
C GLY A 39 -16.88 5.96 12.94
N GLY A 40 -15.59 5.98 12.63
CA GLY A 40 -14.56 5.61 13.61
C GLY A 40 -14.64 4.16 14.03
N GLY A 41 -15.33 3.91 15.14
CA GLY A 41 -15.49 2.56 15.68
C GLY A 41 -16.47 1.69 14.93
N ALA A 42 -17.34 2.35 14.14
CA ALA A 42 -18.27 1.67 13.26
C ALA A 42 -17.53 0.97 12.11
N PHE A 43 -16.35 1.48 11.80
CA PHE A 43 -15.48 0.97 10.75
C PHE A 43 -14.68 -0.22 11.25
N MET A 44 -14.41 -0.23 12.55
CA MET A 44 -13.47 -1.18 13.15
C MET A 44 -13.96 -2.62 13.24
N ILE A 45 -15.27 -2.81 13.41
CA ILE A 45 -15.83 -4.16 13.49
C ILE A 45 -15.71 -4.91 12.15
N PRO A 46 -16.20 -4.30 11.04
CA PRO A 46 -16.00 -4.90 9.73
C PRO A 46 -14.52 -5.06 9.39
N TYR A 47 -13.70 -4.12 9.86
CA TYR A 47 -12.25 -4.13 9.61
C TYR A 47 -11.58 -5.34 10.25
N ILE A 48 -12.00 -5.67 11.47
CA ILE A 48 -11.48 -6.84 12.21
C ILE A 48 -11.95 -8.15 11.58
N ILE A 49 -13.24 -8.22 11.25
CA ILE A 49 -13.82 -9.38 10.58
C ILE A 49 -13.17 -9.61 9.22
N ALA A 50 -12.92 -8.52 8.49
CA ALA A 50 -12.23 -8.60 7.20
C ALA A 50 -10.81 -9.14 7.39
N PHE A 51 -10.13 -8.67 8.42
CA PHE A 51 -8.80 -9.15 8.74
C PHE A 51 -8.77 -10.67 9.02
N LEU A 52 -9.79 -11.16 9.72
CA LEU A 52 -9.87 -12.58 10.09
C LEU A 52 -10.36 -13.48 8.95
N LEU A 53 -11.27 -12.96 8.14
CA LEU A 53 -11.90 -13.76 7.09
C LEU A 53 -11.29 -13.55 5.70
N VAL A 54 -10.59 -12.43 5.51
CA VAL A 54 -9.94 -12.11 4.23
C VAL A 54 -8.43 -11.91 4.38
N GLY A 55 -8.03 -11.03 5.29
CA GLY A 55 -6.64 -10.63 5.44
C GLY A 55 -5.67 -11.77 5.75
N ILE A 56 -5.98 -12.54 6.78
CA ILE A 56 -5.14 -13.66 7.21
C ILE A 56 -5.06 -14.82 6.17
N PRO A 57 -6.22 -15.38 5.75
CA PRO A 57 -6.19 -16.47 4.75
C PRO A 57 -5.48 -16.15 3.43
N LEU A 58 -5.71 -14.96 2.88
CA LEU A 58 -5.08 -14.56 1.60
C LEU A 58 -3.59 -14.32 1.72
N MET A 59 -3.15 -13.83 2.88
CA MET A 59 -1.74 -13.70 3.20
C MET A 59 -1.06 -15.08 3.15
N TRP A 60 -1.70 -16.07 3.78
CA TRP A 60 -1.17 -17.43 3.79
C TRP A 60 -1.16 -18.04 2.38
N ILE A 61 -2.21 -17.77 1.60
CA ILE A 61 -2.28 -18.20 0.20
C ILE A 61 -1.16 -17.59 -0.65
N GLU A 62 -0.92 -16.28 -0.50
CA GLU A 62 0.12 -15.58 -1.29
C GLU A 62 1.57 -15.96 -0.94
N TRP A 63 1.85 -16.21 0.34
CA TRP A 63 3.14 -16.79 0.75
C TRP A 63 3.35 -18.16 0.13
N ALA A 64 2.32 -19.00 0.19
CA ALA A 64 2.35 -20.37 -0.34
C ALA A 64 2.59 -20.41 -1.84
N MET A 65 1.80 -19.63 -2.59
CA MET A 65 1.97 -19.53 -4.03
C MET A 65 3.36 -19.06 -4.40
N GLY A 66 3.87 -18.09 -3.65
CA GLY A 66 5.20 -17.53 -3.88
C GLY A 66 6.32 -18.53 -3.67
N ARG A 67 6.36 -19.15 -2.49
CA ARG A 67 7.36 -20.19 -2.19
C ARG A 67 7.29 -21.33 -3.20
N TYR A 68 6.08 -21.75 -3.55
CA TYR A 68 5.85 -22.78 -4.58
C TYR A 68 6.48 -22.41 -5.92
N GLY A 69 6.19 -21.20 -6.39
CA GLY A 69 6.75 -20.70 -7.65
C GLY A 69 8.26 -20.63 -7.61
N GLY A 70 8.79 -19.98 -6.59
CA GLY A 70 10.24 -19.78 -6.42
C GLY A 70 11.06 -21.06 -6.44
N ALA A 71 10.51 -22.14 -5.90
CA ALA A 71 11.17 -23.44 -5.90
C ALA A 71 11.35 -23.98 -7.32
N GLN A 72 10.47 -23.55 -8.23
CA GLN A 72 10.58 -23.90 -9.65
C GLN A 72 11.16 -22.77 -10.48
N GLY A 73 11.70 -21.76 -9.82
CA GLY A 73 12.39 -20.64 -10.50
C GLY A 73 11.52 -19.52 -11.04
N HIS A 74 10.29 -19.38 -10.52
CA HIS A 74 9.38 -18.32 -10.98
C HIS A 74 8.79 -17.48 -9.84
N GLY A 75 9.00 -16.17 -9.91
CA GLY A 75 8.55 -15.26 -8.85
C GLY A 75 7.27 -14.49 -9.10
N THR A 76 6.73 -14.57 -10.32
CA THR A 76 5.55 -13.79 -10.69
C THR A 76 4.37 -14.61 -11.19
N THR A 77 3.20 -14.00 -11.18
CA THR A 77 1.93 -14.70 -11.45
C THR A 77 1.64 -15.16 -12.89
N PRO A 78 2.21 -14.51 -13.93
CA PRO A 78 1.96 -15.12 -15.25
C PRO A 78 2.40 -16.59 -15.29
N ALA A 79 3.56 -16.88 -14.70
CA ALA A 79 4.12 -18.23 -14.64
C ALA A 79 3.54 -19.10 -13.52
N ILE A 80 3.39 -18.53 -12.33
CA ILE A 80 2.89 -19.27 -11.17
C ILE A 80 1.46 -19.78 -11.39
N PHE A 81 0.60 -18.91 -11.93
CA PHE A 81 -0.76 -19.29 -12.31
C PHE A 81 -0.76 -20.45 -13.32
N TYR A 82 0.23 -20.47 -14.20
CA TYR A 82 0.39 -21.51 -15.22
C TYR A 82 0.84 -22.84 -14.61
N LEU A 83 1.66 -22.78 -13.57
CA LEU A 83 2.09 -23.96 -12.83
C LEU A 83 0.93 -24.61 -12.09
N LEU A 84 0.04 -23.78 -11.55
CA LEU A 84 -1.12 -24.23 -10.78
C LEU A 84 -2.31 -24.62 -11.67
N TRP A 85 -2.31 -24.10 -12.88
CA TRP A 85 -3.37 -24.34 -13.85
C TRP A 85 -2.77 -24.21 -15.25
N ARG A 86 -2.49 -25.36 -15.87
CA ARG A 86 -1.80 -25.44 -17.16
C ARG A 86 -2.72 -25.02 -18.30
N ASN A 87 -2.99 -23.71 -18.36
CA ASN A 87 -3.96 -23.13 -19.29
C ASN A 87 -3.41 -21.79 -19.77
N ARG A 88 -3.68 -21.44 -21.03
CA ARG A 88 -3.23 -20.17 -21.61
C ARG A 88 -3.90 -18.98 -20.93
N PHE A 89 -5.14 -19.17 -20.47
CA PHE A 89 -5.87 -18.12 -19.80
C PHE A 89 -5.26 -17.79 -18.43
N ALA A 90 -4.60 -18.76 -17.81
CA ALA A 90 -3.88 -18.55 -16.55
C ALA A 90 -2.74 -17.55 -16.68
N LYS A 91 -2.03 -17.58 -17.80
CA LYS A 91 -0.94 -16.63 -18.08
C LYS A 91 -1.45 -15.20 -18.24
N ILE A 92 -2.62 -15.07 -18.87
CA ILE A 92 -3.22 -13.78 -19.15
C ILE A 92 -3.76 -13.16 -17.87
N LEU A 93 -4.46 -13.97 -17.07
CA LEU A 93 -4.94 -13.55 -15.75
C LEU A 93 -3.79 -13.20 -14.83
N GLY A 94 -2.66 -13.91 -15.00
CA GLY A 94 -1.44 -13.65 -14.25
C GLY A 94 -0.74 -12.34 -14.57
N VAL A 95 -1.09 -11.73 -15.70
CA VAL A 95 -0.51 -10.45 -16.11
C VAL A 95 -0.90 -9.33 -15.13
N PHE A 96 -2.08 -9.46 -14.52
CA PHE A 96 -2.55 -8.53 -13.49
C PHE A 96 -1.60 -8.40 -12.29
N GLY A 97 -0.88 -9.49 -11.98
CA GLY A 97 0.11 -9.48 -10.91
C GLY A 97 1.43 -8.84 -11.30
N LEU A 98 1.49 -8.35 -12.54
CA LEU A 98 2.56 -7.45 -12.96
C LEU A 98 1.99 -6.05 -13.19
N TRP A 99 0.74 -6.01 -13.66
CA TRP A 99 0.05 -4.77 -13.98
C TRP A 99 -0.30 -3.98 -12.71
N ILE A 100 -0.98 -4.63 -11.77
CA ILE A 100 -1.42 -3.96 -10.54
C ILE A 100 -0.27 -3.28 -9.76
N PRO A 101 0.78 -4.04 -9.37
CA PRO A 101 1.90 -3.40 -8.67
C PRO A 101 2.62 -2.32 -9.48
N LEU A 102 2.64 -2.47 -10.81
CA LEU A 102 3.31 -1.49 -11.67
C LEU A 102 2.53 -0.16 -11.73
N VAL A 103 1.23 -0.25 -12.01
CA VAL A 103 0.35 0.91 -12.00
C VAL A 103 0.34 1.59 -10.61
N VAL A 104 0.23 0.79 -9.56
CA VAL A 104 0.29 1.30 -8.19
C VAL A 104 1.62 2.03 -7.94
N ALA A 105 2.73 1.42 -8.37
CA ALA A 105 4.06 2.02 -8.26
C ALA A 105 4.12 3.40 -8.87
N ILE A 106 3.55 3.51 -10.07
CA ILE A 106 3.51 4.74 -10.83
C ILE A 106 2.97 5.92 -9.99
N TYR A 107 1.90 5.70 -9.22
CA TYR A 107 1.41 6.79 -8.37
C TYR A 107 1.94 6.78 -6.92
N TYR A 108 2.13 5.58 -6.37
CA TYR A 108 2.64 5.42 -5.00
C TYR A 108 4.01 6.05 -4.79
N VAL A 109 4.91 5.87 -5.75
CA VAL A 109 6.27 6.43 -5.65
C VAL A 109 6.25 7.94 -5.69
N TYR A 110 5.28 8.51 -6.41
CA TYR A 110 5.12 9.96 -6.49
C TYR A 110 4.68 10.52 -5.14
N ILE A 111 3.64 9.93 -4.55
CA ILE A 111 3.22 10.31 -3.18
C ILE A 111 4.37 10.14 -2.17
N GLU A 112 5.15 9.07 -2.32
CA GLU A 112 6.34 8.85 -1.50
C GLU A 112 7.31 10.02 -1.67
N SER A 113 7.49 10.47 -2.92
CA SER A 113 8.38 11.59 -3.20
C SER A 113 7.94 12.89 -2.49
N TRP A 114 6.63 13.10 -2.33
CA TRP A 114 6.14 14.29 -1.63
C TRP A 114 6.65 14.31 -0.17
N THR A 115 6.58 13.16 0.49
CA THR A 115 6.99 13.03 1.88
C THR A 115 8.48 13.32 2.08
N LEU A 116 9.31 12.83 1.16
CA LEU A 116 10.73 13.22 1.11
C LEU A 116 10.89 14.74 0.96
N GLY A 117 10.20 15.32 -0.03
CA GLY A 117 10.25 16.76 -0.27
C GLY A 117 9.79 17.60 0.91
N PHE A 118 8.71 17.17 1.56
CA PHE A 118 8.23 17.82 2.78
C PHE A 118 9.21 17.63 3.94
N ALA A 119 9.85 16.46 4.03
CA ALA A 119 10.86 16.20 5.07
C ALA A 119 12.04 17.16 4.94
N ILE A 120 12.59 17.26 3.73
CA ILE A 120 13.67 18.19 3.42
C ILE A 120 13.32 19.63 3.80
N LYS A 121 12.16 20.11 3.33
CA LYS A 121 11.76 21.49 3.59
C LYS A 121 11.46 21.76 5.06
N PHE A 122 10.87 20.77 5.75
CA PHE A 122 10.56 20.90 7.18
C PHE A 122 11.80 20.81 8.07
N LEU A 123 12.80 20.05 7.63
CA LEU A 123 14.11 20.02 8.28
C LEU A 123 14.82 21.36 8.19
N VAL A 124 14.89 21.91 6.98
CA VAL A 124 15.61 23.15 6.69
C VAL A 124 14.79 24.38 7.08
N GLY A 125 13.54 24.17 7.50
CA GLY A 125 12.69 25.24 7.98
C GLY A 125 12.06 26.12 6.92
N LEU A 126 12.01 25.62 5.68
CA LEU A 126 11.40 26.33 4.56
C LEU A 126 9.91 25.98 4.49
N VAL A 127 9.17 26.47 5.48
CA VAL A 127 7.80 26.06 5.72
C VAL A 127 6.90 27.28 5.80
N PRO A 128 5.57 27.09 5.64
CA PRO A 128 4.72 28.27 5.77
C PRO A 128 4.66 28.78 7.20
N GLU A 129 4.54 30.10 7.35
CA GLU A 129 4.45 30.72 8.66
C GLU A 129 3.03 31.26 8.87
N PRO A 130 2.25 30.58 9.73
CA PRO A 130 0.93 31.08 10.15
C PRO A 130 1.10 32.32 11.03
N PRO A 131 0.12 33.24 11.00
CA PRO A 131 0.24 34.49 11.77
C PRO A 131 0.15 34.25 13.28
N PRO A 132 0.97 34.98 14.07
CA PRO A 132 0.97 34.87 15.53
C PRO A 132 -0.37 35.28 16.16
N THR A 135 -5.43 32.66 16.44
CA THR A 135 -5.85 31.27 16.65
C THR A 135 -6.99 30.88 15.69
N ASP A 136 -7.26 31.76 14.73
CA ASP A 136 -8.24 31.53 13.67
C ASP A 136 -7.81 30.35 12.77
N PRO A 137 -8.60 29.26 12.76
CA PRO A 137 -8.26 28.01 12.08
C PRO A 137 -7.91 28.17 10.59
N ASP A 138 -8.75 28.89 9.86
CA ASP A 138 -8.56 29.13 8.42
C ASP A 138 -7.29 29.91 8.11
N SER A 139 -6.90 30.83 8.99
CA SER A 139 -5.68 31.60 8.81
C SER A 139 -4.42 30.78 9.10
N ILE A 140 -4.58 29.68 9.83
CA ILE A 140 -3.48 28.76 10.14
C ILE A 140 -3.38 27.62 9.11
N LEU A 141 -4.53 27.12 8.66
CA LEU A 141 -4.58 26.00 7.73
C LEU A 141 -4.21 26.39 6.30
N ARG A 142 -4.62 27.59 5.88
CA ARG A 142 -4.47 28.06 4.50
C ARG A 142 -3.03 28.09 3.99
N PRO A 143 -2.08 28.65 4.77
CA PRO A 143 -0.68 28.63 4.31
C PRO A 143 -0.12 27.23 4.05
N PHE A 144 -0.58 26.25 4.83
CA PHE A 144 -0.17 24.87 4.65
C PHE A 144 -0.88 24.21 3.46
N LYS A 145 -2.12 24.64 3.20
CA LYS A 145 -2.84 24.22 1.99
C LYS A 145 -2.15 24.72 0.73
N GLU A 146 -1.80 26.00 0.72
CA GLU A 146 -1.09 26.64 -0.39
C GLU A 146 0.28 26.01 -0.61
N PHE A 147 0.91 25.64 0.49
CA PHE A 147 2.21 24.98 0.48
C PHE A 147 2.13 23.65 -0.26
N LEU A 148 1.13 22.84 0.06
CA LEU A 148 0.91 21.59 -0.66
C LEU A 148 0.51 21.85 -2.12
N TYR A 149 -0.43 22.77 -2.32
CA TYR A 149 -0.94 23.09 -3.65
C TYR A 149 0.12 23.60 -4.63
N SER A 150 1.08 24.38 -4.13
CA SER A 150 2.21 24.86 -4.95
C SER A 150 3.22 23.75 -5.26
N TYR A 151 3.39 22.83 -4.32
CA TYR A 151 4.33 21.73 -4.47
C TYR A 151 3.90 20.79 -5.60
N ILE A 152 2.63 20.36 -5.55
CA ILE A 152 2.11 19.43 -6.55
C ILE A 152 1.49 20.12 -7.78
N GLY A 153 1.13 21.40 -7.63
CA GLY A 153 0.61 22.21 -8.72
C GLY A 153 -0.88 22.02 -9.02
N VAL A 154 -1.70 22.01 -7.96
CA VAL A 154 -3.15 21.89 -8.08
C VAL A 154 -3.70 22.96 -9.05
N PRO A 155 -4.61 22.58 -9.96
CA PRO A 155 -5.12 23.54 -10.94
C PRO A 155 -5.75 24.76 -10.26
N LYS A 156 -5.44 25.94 -10.77
CA LYS A 156 -5.97 27.19 -10.24
C LYS A 156 -7.13 27.72 -11.09
N GLY A 157 -7.40 27.06 -12.21
CA GLY A 157 -8.46 27.44 -13.15
C GLY A 157 -9.31 26.28 -13.63
N ASP A 158 -9.55 26.24 -14.94
CA ASP A 158 -10.49 25.29 -15.53
C ASP A 158 -9.83 24.04 -16.12
N GLU A 159 -8.56 24.18 -16.52
CA GLU A 159 -7.80 23.09 -17.13
C GLU A 159 -7.47 21.99 -16.10
N PRO A 160 -7.54 20.72 -16.54
CA PRO A 160 -7.28 19.59 -15.64
C PRO A 160 -5.79 19.24 -15.61
N ILE A 161 -4.97 20.27 -15.58
CA ILE A 161 -3.54 20.17 -15.72
C ILE A 161 -2.85 20.56 -14.41
N LEU A 162 -1.89 19.75 -13.99
CA LEU A 162 -1.07 20.03 -12.81
C LEU A 162 0.29 20.61 -13.23
N LYS A 163 0.86 21.44 -12.37
CA LYS A 163 2.17 22.02 -12.62
C LYS A 163 3.06 21.90 -11.38
N PRO A 164 3.68 20.72 -11.19
CA PRO A 164 4.54 20.51 -10.02
C PRO A 164 5.71 21.50 -10.03
N SER A 165 6.09 21.98 -8.84
CA SER A 165 7.26 22.86 -8.71
C SER A 165 8.51 22.13 -9.22
N LEU A 166 9.56 22.89 -9.53
CA LEU A 166 10.84 22.32 -9.92
C LEU A 166 11.42 21.42 -8.83
N PHE A 167 11.25 21.84 -7.56
CA PHE A 167 11.69 21.06 -6.40
C PHE A 167 11.01 19.69 -6.35
N ALA A 168 9.68 19.68 -6.48
CA ALA A 168 8.88 18.44 -6.50
C ALA A 168 9.33 17.45 -7.56
N TYR A 169 9.78 17.97 -8.71
CA TYR A 169 10.19 17.14 -9.83
C TYR A 169 11.53 16.47 -9.56
N ILE A 170 12.50 17.25 -9.08
CA ILE A 170 13.83 16.74 -8.73
C ILE A 170 13.78 15.78 -7.53
N VAL A 171 12.90 16.07 -6.57
CA VAL A 171 12.70 15.16 -5.45
C VAL A 171 12.16 13.81 -5.93
N PHE A 172 11.24 13.84 -6.90
CA PHE A 172 10.76 12.59 -7.53
C PHE A 172 11.91 11.79 -8.15
N LEU A 173 12.76 12.48 -8.91
CA LEU A 173 13.97 11.89 -9.49
C LEU A 173 14.87 11.26 -8.41
N ILE A 174 15.13 12.00 -7.34
CA ILE A 174 15.93 11.50 -6.22
C ILE A 174 15.26 10.24 -5.63
N THR A 175 13.96 10.32 -5.41
CA THR A 175 13.17 9.21 -4.87
C THR A 175 13.29 7.95 -5.72
N MET A 176 13.25 8.12 -7.05
CA MET A 176 13.50 7.02 -7.97
C MET A 176 14.91 6.48 -7.79
N PHE A 177 15.90 7.37 -7.79
CA PHE A 177 17.29 6.96 -7.58
C PHE A 177 17.49 6.15 -6.30
N ILE A 178 16.84 6.60 -5.21
CA ILE A 178 16.91 5.89 -3.93
C ILE A 178 16.28 4.50 -4.02
N ASN A 179 15.10 4.42 -4.63
CA ASN A 179 14.44 3.11 -4.83
C ASN A 179 15.34 2.14 -5.61
N VAL A 180 15.96 2.66 -6.67
CA VAL A 180 16.87 1.88 -7.51
C VAL A 180 18.09 1.37 -6.73
N SER A 181 18.72 2.25 -5.94
CA SER A 181 19.94 1.87 -5.24
C SER A 181 19.74 0.71 -4.24
N ILE A 182 18.55 0.65 -3.64
CA ILE A 182 18.19 -0.50 -2.79
C ILE A 182 17.98 -1.75 -3.64
N LEU A 183 17.19 -1.60 -4.71
CA LEU A 183 16.73 -2.74 -5.50
C LEU A 183 17.86 -3.37 -6.32
N ILE A 184 18.83 -2.55 -6.70
CA ILE A 184 19.93 -2.99 -7.54
C ILE A 184 20.89 -3.94 -6.81
N ARG A 185 20.86 -3.90 -5.47
CA ARG A 185 21.69 -4.76 -4.63
C ARG A 185 21.01 -6.11 -4.36
N GLY A 186 19.76 -6.24 -4.77
CA GLY A 186 19.05 -7.50 -4.71
C GLY A 186 18.23 -7.74 -3.46
N ILE A 187 17.97 -9.00 -3.18
CA ILE A 187 17.07 -9.41 -2.10
C ILE A 187 17.74 -9.35 -0.72
N SER A 188 18.84 -10.08 -0.53
CA SER A 188 19.50 -10.12 0.78
C SER A 188 20.30 -8.86 1.08
N LYS A 189 21.10 -8.41 0.12
CA LYS A 189 21.98 -7.24 0.32
C LYS A 189 21.27 -5.90 0.13
N GLY A 190 20.09 -5.92 -0.49
CA GLY A 190 19.35 -4.70 -0.79
C GLY A 190 18.10 -4.54 0.05
N ILE A 191 17.06 -5.30 -0.30
CA ILE A 191 15.76 -5.21 0.37
C ILE A 191 15.84 -5.63 1.84
N GLU A 192 16.45 -6.79 2.10
CA GLU A 192 16.57 -7.32 3.45
C GLU A 192 17.41 -6.40 4.34
N ARG A 193 18.60 -6.00 3.86
CA ARG A 193 19.50 -5.12 4.61
C ARG A 193 18.82 -3.82 5.00
N PHE A 194 18.20 -3.15 4.02
CA PHE A 194 17.48 -1.90 4.26
C PHE A 194 16.33 -2.07 5.26
N ALA A 195 15.58 -3.15 5.14
CA ALA A 195 14.48 -3.44 6.08
C ALA A 195 14.96 -3.52 7.53
N LYS A 196 16.16 -4.05 7.75
CA LYS A 196 16.72 -4.19 9.10
C LYS A 196 17.05 -2.83 9.71
N ILE A 197 17.45 -1.88 8.85
CA ILE A 197 17.64 -0.48 9.24
C ILE A 197 16.31 0.29 9.31
N ALA A 198 15.43 0.08 8.34
CA ALA A 198 14.25 0.94 8.16
C ALA A 198 13.11 0.71 9.14
N MET A 199 12.81 -0.55 9.45
CA MET A 199 11.70 -0.88 10.35
C MET A 199 11.89 -0.43 11.82
N PRO A 200 13.08 -0.66 12.43
CA PRO A 200 13.28 -0.14 13.79
C PRO A 200 13.18 1.39 13.85
N THR A 201 13.75 2.08 12.86
CA THR A 201 13.65 3.54 12.74
C THR A 201 12.19 3.98 12.64
N LEU A 202 11.46 3.34 11.73
CA LEU A 202 10.06 3.64 11.47
C LEU A 202 9.21 3.51 12.74
N PHE A 203 9.40 2.39 13.44
CA PHE A 203 8.68 2.08 14.68
C PHE A 203 8.96 3.11 15.78
N ILE A 204 10.23 3.48 15.96
CA ILE A 204 10.63 4.46 16.97
C ILE A 204 10.07 5.85 16.67
N LEU A 205 10.17 6.28 15.41
CA LEU A 205 9.62 7.56 15.01
C LEU A 205 8.12 7.65 15.29
N ALA A 206 7.40 6.56 15.00
CA ALA A 206 5.95 6.49 15.17
C ALA A 206 5.54 6.53 16.64
N VAL A 207 6.22 5.74 17.47
CA VAL A 207 5.99 5.75 18.92
C VAL A 207 6.21 7.16 19.49
N PHE A 208 7.32 7.80 19.12
CA PHE A 208 7.58 9.17 19.57
C PHE A 208 6.45 10.13 19.22
N LEU A 209 5.97 10.06 17.99
CA LEU A 209 4.88 10.91 17.54
C LEU A 209 3.57 10.62 18.26
N VAL A 210 3.30 9.34 18.50
CA VAL A 210 2.11 8.93 19.27
C VAL A 210 2.13 9.50 20.69
N ILE A 211 3.30 9.44 21.34
CA ILE A 211 3.46 10.03 22.68
C ILE A 211 3.26 11.54 22.62
N ARG A 212 3.89 12.20 21.66
CA ARG A 212 3.76 13.64 21.49
C ARG A 212 2.30 14.07 21.23
N VAL A 213 1.61 13.34 20.37
CA VAL A 213 0.19 13.58 20.07
C VAL A 213 -0.71 13.36 21.29
N PHE A 214 -0.38 12.35 22.09
CA PHE A 214 -1.12 12.03 23.32
C PHE A 214 -1.09 13.17 24.35
N LEU A 215 -0.05 14.00 24.28
CA LEU A 215 0.09 15.14 25.19
C LEU A 215 -0.57 16.42 24.70
N LEU A 216 -1.33 16.35 23.60
CA LEU A 216 -1.99 17.52 23.03
C LEU A 216 -3.37 17.78 23.63
N GLU A 217 -3.64 19.06 23.89
CA GLU A 217 -4.91 19.49 24.46
C GLU A 217 -5.22 20.94 24.07
N THR A 218 -6.47 21.19 23.70
CA THR A 218 -6.97 22.54 23.42
C THR A 218 -8.34 22.72 24.09
N PRO A 219 -8.95 23.92 23.99
CA PRO A 219 -10.36 24.05 24.39
C PRO A 219 -11.32 23.16 23.60
N ASN A 220 -10.92 22.70 22.41
CA ASN A 220 -11.76 21.84 21.58
C ASN A 220 -11.72 20.36 21.95
N GLY A 221 -10.64 19.92 22.57
CA GLY A 221 -10.54 18.53 23.04
C GLY A 221 -9.16 18.03 23.39
N THR A 222 -9.10 16.75 23.73
CA THR A 222 -7.83 16.05 23.98
C THR A 222 -7.62 14.97 22.92
N ALA A 223 -6.45 14.33 22.94
CA ALA A 223 -6.15 13.22 22.05
C ALA A 223 -7.01 11.99 22.37
N ALA A 224 -7.39 11.85 23.64
CA ALA A 224 -8.19 10.71 24.10
C ALA A 224 -9.60 10.70 23.53
N ASP A 225 -10.14 11.88 23.21
CA ASP A 225 -11.43 12.00 22.52
C ASP A 225 -11.33 11.43 21.10
N GLY A 226 -10.14 11.51 20.52
CA GLY A 226 -9.86 10.93 19.21
C GLY A 226 -9.82 9.41 19.28
N LEU A 227 -9.23 8.90 20.34
CA LEU A 227 -9.16 7.46 20.59
C LEU A 227 -10.52 6.86 20.93
N ASN A 228 -11.34 7.62 21.66
CA ASN A 228 -12.71 7.21 21.97
C ASN A 228 -13.59 7.19 20.73
N PHE A 229 -13.40 8.17 19.85
CA PHE A 229 -14.10 8.21 18.56
C PHE A 229 -13.75 7.00 17.68
N LEU A 230 -12.48 6.58 17.74
CA LEU A 230 -11.98 5.51 16.88
C LEU A 230 -12.27 4.11 17.43
N TRP A 231 -12.33 4.00 18.75
CA TRP A 231 -12.52 2.70 19.40
C TRP A 231 -13.87 2.52 20.10
N THR A 232 -14.87 3.29 19.65
CA THR A 232 -16.24 3.14 20.17
C THR A 232 -17.17 2.67 19.05
N PRO A 233 -17.72 1.46 19.18
CA PRO A 233 -18.53 0.83 18.13
C PRO A 233 -19.88 1.51 17.91
N ASP A 234 -20.35 1.45 16.67
CA ASP A 234 -21.70 1.89 16.30
C ASP A 234 -22.31 0.73 15.52
N PHE A 235 -23.22 0.01 16.17
CA PHE A 235 -23.79 -1.21 15.60
C PHE A 235 -24.87 -0.95 14.55
N GLU A 236 -25.37 0.28 14.50
CA GLU A 236 -26.35 0.70 13.50
C GLU A 236 -25.72 0.84 12.12
N LYS A 237 -24.43 1.12 12.10
CA LYS A 237 -23.67 1.30 10.86
C LYS A 237 -23.30 -0.04 10.21
N LEU A 238 -23.36 -1.12 10.99
CA LEU A 238 -23.00 -2.46 10.51
C LEU A 238 -23.93 -2.98 9.40
N LYS A 239 -25.09 -2.35 9.26
CA LYS A 239 -26.02 -2.67 8.19
C LYS A 239 -25.72 -1.94 6.88
N ASP A 240 -24.88 -0.89 6.96
CA ASP A 240 -24.47 -0.12 5.79
C ASP A 240 -23.32 -0.84 5.08
N PRO A 241 -23.55 -1.26 3.83
CA PRO A 241 -22.55 -1.99 3.02
C PRO A 241 -21.31 -1.16 2.67
N GLY A 242 -21.47 0.17 2.61
CA GLY A 242 -20.36 1.08 2.31
C GLY A 242 -19.19 0.95 3.26
N VAL A 243 -19.50 0.79 4.55
CA VAL A 243 -18.50 0.57 5.60
C VAL A 243 -17.72 -0.73 5.36
N TRP A 244 -18.44 -1.78 4.98
CA TRP A 244 -17.86 -3.11 4.70
C TRP A 244 -16.95 -3.08 3.47
N ILE A 245 -17.37 -2.34 2.46
CA ILE A 245 -16.61 -2.19 1.22
C ILE A 245 -15.32 -1.40 1.48
N ALA A 246 -15.42 -0.40 2.35
CA ALA A 246 -14.29 0.43 2.75
C ALA A 246 -13.28 -0.36 3.60
N ALA A 247 -13.77 -1.08 4.59
CA ALA A 247 -12.93 -1.90 5.46
C ALA A 247 -12.15 -2.96 4.69
N VAL A 248 -12.85 -3.68 3.80
CA VAL A 248 -12.22 -4.76 3.03
C VAL A 248 -11.16 -4.23 2.07
N GLY A 249 -11.45 -3.08 1.46
CA GLY A 249 -10.50 -2.39 0.59
C GLY A 249 -9.25 -1.98 1.36
N GLN A 250 -9.43 -1.46 2.56
CA GLN A 250 -8.30 -1.08 3.40
C GLN A 250 -7.44 -2.28 3.80
N ILE A 251 -8.10 -3.38 4.18
CA ILE A 251 -7.43 -4.65 4.51
C ILE A 251 -6.54 -5.14 3.36
N PHE A 252 -7.09 -5.15 2.15
CA PHE A 252 -6.31 -5.49 0.95
C PHE A 252 -5.11 -4.56 0.77
N PHE A 253 -5.38 -3.26 0.73
CA PHE A 253 -4.33 -2.30 0.44
C PHE A 253 -3.24 -2.36 1.51
N THR A 254 -3.67 -2.40 2.77
CA THR A 254 -2.73 -2.36 3.89
C THR A 254 -1.82 -3.59 4.02
N LEU A 255 -2.36 -4.78 3.71
CA LEU A 255 -1.55 -5.98 3.81
C LEU A 255 -0.85 -6.31 2.50
N SER A 256 -0.98 -5.40 1.53
CA SER A 256 -0.49 -5.60 0.15
C SER A 256 -1.04 -6.88 -0.48
N LEU A 257 -2.29 -7.20 -0.22
CA LEU A 257 -2.94 -8.39 -0.80
C LEU A 257 -3.53 -8.06 -2.17
N GLY A 258 -3.35 -8.99 -3.12
CA GLY A 258 -3.84 -8.80 -4.47
C GLY A 258 -2.96 -7.93 -5.34
N PHE A 259 -1.74 -7.66 -4.87
CA PHE A 259 -0.77 -6.83 -5.61
C PHE A 259 0.36 -7.67 -6.23
N GLY A 260 0.35 -8.98 -6.00
CA GLY A 260 1.47 -9.85 -6.43
C GLY A 260 2.81 -9.48 -5.78
N ALA A 261 2.75 -8.70 -4.71
CA ALA A 261 3.95 -8.21 -4.04
C ALA A 261 4.40 -9.16 -2.94
N ILE A 262 3.43 -9.69 -2.18
CA ILE A 262 3.68 -10.74 -1.19
C ILE A 262 4.13 -12.04 -1.87
N ILE A 263 3.50 -12.38 -3.00
CA ILE A 263 3.85 -13.59 -3.75
C ILE A 263 5.32 -13.56 -4.14
N THR A 264 5.74 -12.45 -4.73
CA THR A 264 7.09 -12.29 -5.25
C THR A 264 8.17 -12.33 -4.17
N TYR A 265 7.97 -11.60 -3.07
CA TYR A 265 8.86 -11.65 -1.90
C TYR A 265 8.94 -13.08 -1.34
N ALA A 266 7.81 -13.78 -1.35
CA ALA A 266 7.73 -15.15 -0.84
C ALA A 266 8.48 -16.16 -1.73
N SER A 267 8.69 -15.82 -2.98
CA SER A 267 9.39 -16.71 -3.93
C SER A 267 10.90 -16.75 -3.68
N TYR A 268 11.34 -16.03 -2.65
CA TYR A 268 12.73 -16.06 -2.22
C TYR A 268 12.85 -16.74 -0.85
N VAL A 269 11.73 -17.26 -0.37
CA VAL A 269 11.71 -18.14 0.79
C VAL A 269 12.05 -19.56 0.29
N ARG A 270 12.99 -20.20 0.97
CA ARG A 270 13.42 -21.57 0.62
C ARG A 270 12.27 -22.54 0.76
N LYS A 271 12.18 -23.48 -0.19
CA LYS A 271 11.07 -24.42 -0.32
C LYS A 271 10.66 -25.11 0.99
N ASP A 272 11.61 -25.23 1.92
CA ASP A 272 11.41 -25.90 3.20
C ASP A 272 10.93 -24.98 4.31
N GLN A 273 11.32 -23.72 4.22
CA GLN A 273 11.17 -22.74 5.29
C GLN A 273 9.70 -22.41 5.61
N ASP A 274 9.43 -22.18 6.89
CA ASP A 274 8.11 -21.81 7.39
C ASP A 274 7.56 -20.54 6.71
N ILE A 275 6.27 -20.59 6.38
CA ILE A 275 5.56 -19.43 5.88
C ILE A 275 4.31 -19.15 6.72
N VAL A 276 3.94 -20.09 7.59
CA VAL A 276 2.74 -19.96 8.42
C VAL A 276 2.94 -18.91 9.52
N LEU A 277 3.95 -19.13 10.36
CA LEU A 277 4.22 -18.23 11.48
C LEU A 277 4.75 -16.90 10.98
N SER A 278 5.73 -16.96 10.07
CA SER A 278 6.28 -15.79 9.40
C SER A 278 5.20 -14.91 8.77
N GLY A 279 4.28 -15.54 8.06
CA GLY A 279 3.16 -14.84 7.42
C GLY A 279 2.24 -14.16 8.42
N LEU A 280 1.89 -14.88 9.47
CA LEU A 280 1.03 -14.38 10.55
C LEU A 280 1.69 -13.25 11.35
N THR A 281 3.01 -13.30 11.50
CA THR A 281 3.75 -12.29 12.25
C THR A 281 3.89 -10.99 11.44
N ALA A 282 4.21 -11.11 10.15
CA ALA A 282 4.29 -9.94 9.26
C ALA A 282 2.94 -9.23 9.17
N ALA A 283 1.86 -10.02 9.09
CA ALA A 283 0.50 -9.49 9.05
C ALA A 283 0.10 -8.84 10.37
N THR A 284 0.58 -9.40 11.48
CA THR A 284 0.27 -8.85 12.81
C THR A 284 1.07 -7.59 13.12
N LEU A 285 2.34 -7.56 12.73
CA LEU A 285 3.16 -6.35 12.80
C LEU A 285 2.51 -5.16 12.06
N ASN A 286 2.00 -5.43 10.85
CA ASN A 286 1.26 -4.42 10.08
C ASN A 286 0.05 -3.87 10.82
N GLU A 287 -0.77 -4.77 11.35
CA GLU A 287 -1.99 -4.38 12.07
C GLU A 287 -1.71 -3.55 13.31
N LYS A 288 -0.65 -3.88 14.05
CA LYS A 288 -0.15 -3.03 15.13
C LYS A 288 0.20 -1.63 14.63
N ALA A 289 1.03 -1.57 13.59
CA ALA A 289 1.45 -0.28 13.02
C ALA A 289 0.29 0.53 12.43
N GLU A 290 -0.81 -0.15 12.11
CA GLU A 290 -1.99 0.51 11.57
C GLU A 290 -2.96 0.98 12.65
N VAL A 291 -3.48 0.05 13.46
CA VAL A 291 -4.50 0.39 14.46
C VAL A 291 -3.94 1.08 15.73
N ILE A 292 -2.72 0.73 16.10
CA ILE A 292 -2.08 1.32 17.29
C ILE A 292 -1.27 2.57 16.95
N LEU A 293 -0.38 2.47 15.98
CA LEU A 293 0.51 3.57 15.64
C LEU A 293 -0.15 4.59 14.70
N GLY A 294 -0.65 4.09 13.56
CA GLY A 294 -1.25 4.95 12.54
C GLY A 294 -2.52 5.63 12.97
N GLY A 295 -3.39 4.85 13.63
CA GLY A 295 -4.64 5.37 14.16
C GLY A 295 -4.46 6.35 15.31
N SER A 296 -3.32 6.32 15.97
CA SER A 296 -3.08 7.15 17.17
C SER A 296 -2.48 8.53 16.90
N ILE A 297 -1.99 8.77 15.68
CA ILE A 297 -1.32 10.02 15.36
C ILE A 297 -2.27 11.08 14.78
N SER A 298 -2.81 10.80 13.59
CA SER A 298 -3.56 11.79 12.81
C SER A 298 -4.89 12.19 13.43
N ILE A 299 -5.75 11.20 13.68
CA ILE A 299 -7.10 11.45 14.19
C ILE A 299 -7.11 12.12 15.59
N PRO A 300 -6.43 11.51 16.59
CA PRO A 300 -6.45 12.12 17.93
C PRO A 300 -5.92 13.55 17.97
N ALA A 301 -4.92 13.85 17.14
CA ALA A 301 -4.38 15.20 17.02
C ALA A 301 -5.40 16.16 16.39
N ALA A 302 -6.08 15.68 15.34
CA ALA A 302 -7.11 16.45 14.66
C ALA A 302 -8.30 16.72 15.58
N VAL A 303 -8.70 15.69 16.31
CA VAL A 303 -9.81 15.78 17.26
C VAL A 303 -9.48 16.75 18.41
N ALA A 304 -8.28 16.64 18.96
CA ALA A 304 -7.84 17.54 20.04
C ALA A 304 -7.99 19.01 19.65
N PHE A 305 -7.49 19.38 18.48
CA PHE A 305 -7.47 20.77 18.04
C PHE A 305 -8.79 21.30 17.46
N PHE A 306 -9.58 20.41 16.85
CA PHE A 306 -10.79 20.83 16.12
C PHE A 306 -12.09 20.21 16.64
N GLY A 307 -11.98 19.16 17.46
CA GLY A 307 -13.18 18.42 17.89
C GLY A 307 -13.54 17.36 16.86
N VAL A 308 -14.42 16.45 17.25
CA VAL A 308 -14.74 15.28 16.43
C VAL A 308 -15.34 15.62 15.05
N ALA A 309 -16.40 16.44 15.03
CA ALA A 309 -17.14 16.72 13.80
C ALA A 309 -16.32 17.49 12.75
N ASN A 310 -15.39 18.31 13.23
CA ASN A 310 -14.49 19.04 12.33
C ASN A 310 -13.41 18.14 11.75
N ALA A 311 -12.91 17.21 12.56
CA ALA A 311 -11.92 16.23 12.16
C ALA A 311 -12.46 15.28 11.09
N VAL A 312 -13.71 14.85 11.26
CA VAL A 312 -14.39 14.02 10.26
C VAL A 312 -14.52 14.78 8.93
N ALA A 313 -14.96 16.03 9.01
CA ALA A 313 -15.11 16.89 7.84
C ALA A 313 -13.81 17.13 7.10
N ILE A 314 -12.71 17.26 7.86
CA ILE A 314 -11.37 17.39 7.28
C ILE A 314 -10.96 16.10 6.54
N ALA A 315 -11.24 14.95 7.16
CA ALA A 315 -10.92 13.64 6.56
C ALA A 315 -11.72 13.35 5.29
N LYS A 316 -12.87 14.01 5.17
CA LYS A 316 -13.74 13.89 3.98
C LYS A 316 -13.38 14.88 2.88
N ALA A 317 -12.68 15.95 3.24
CA ALA A 317 -12.31 17.00 2.29
C ALA A 317 -11.42 16.47 1.17
N GLY A 318 -10.53 15.55 1.55
CA GLY A 318 -9.63 14.87 0.62
C GLY A 318 -8.93 13.74 1.34
N ALA A 319 -7.92 13.17 0.68
CA ALA A 319 -7.16 12.06 1.26
C ALA A 319 -5.78 12.49 1.76
N PHE A 320 -5.32 13.64 1.26
CA PHE A 320 -4.00 14.17 1.61
C PHE A 320 -4.11 15.44 2.47
N ASN A 321 -5.34 15.85 2.76
CA ASN A 321 -5.61 17.01 3.59
C ASN A 321 -5.12 16.82 5.02
N LEU A 322 -5.44 15.65 5.58
CA LEU A 322 -5.09 15.32 6.95
C LEU A 322 -3.57 15.24 7.17
N GLY A 323 -2.87 14.54 6.28
CA GLY A 323 -1.47 14.22 6.46
C GLY A 323 -0.46 15.25 5.99
N PHE A 324 -0.81 16.03 4.97
CA PHE A 324 0.11 16.99 4.37
C PHE A 324 -0.26 18.44 4.69
N ILE A 325 -1.47 18.65 5.19
CA ILE A 325 -1.95 20.01 5.48
C ILE A 325 -2.28 20.16 6.96
N THR A 326 -3.25 19.39 7.42
CA THR A 326 -3.79 19.54 8.78
C THR A 326 -2.78 19.20 9.87
N LEU A 327 -2.16 18.03 9.79
CA LEU A 327 -1.22 17.62 10.82
C LEU A 327 -0.03 18.58 10.95
N PRO A 328 0.65 18.92 9.84
CA PRO A 328 1.75 19.88 10.02
C PRO A 328 1.29 21.27 10.50
N ALA A 329 0.05 21.66 10.18
CA ALA A 329 -0.54 22.90 10.66
C ALA A 329 -0.71 22.88 12.17
N ILE A 330 -1.32 21.80 12.68
CA ILE A 330 -1.43 21.53 14.11
C ILE A 330 -0.05 21.57 14.78
N PHE A 331 0.91 20.82 14.25
CA PHE A 331 2.28 20.76 14.80
C PHE A 331 2.95 22.14 14.90
N SER A 332 2.71 23.01 13.92
CA SER A 332 3.32 24.35 13.90
C SER A 332 2.84 25.25 15.05
N GLN A 333 1.81 24.82 15.77
CA GLN A 333 1.28 25.57 16.92
C GLN A 333 1.95 25.14 18.23
N THR A 334 2.88 24.20 18.13
CA THR A 334 3.60 23.67 19.28
C THR A 334 5.10 23.94 19.13
N ALA A 335 5.76 24.23 20.24
CA ALA A 335 7.21 24.46 20.24
C ALA A 335 7.92 23.24 19.65
N GLY A 336 8.82 23.50 18.71
CA GLY A 336 9.54 22.44 18.01
C GLY A 336 8.72 21.75 16.93
N GLY A 337 7.63 22.42 16.51
CA GLY A 337 6.66 21.87 15.58
C GLY A 337 7.13 21.61 14.16
N THR A 338 7.98 22.48 13.65
CA THR A 338 8.58 22.29 12.32
C THR A 338 9.43 21.00 12.31
N PHE A 339 10.20 20.79 13.38
CA PHE A 339 10.95 19.56 13.55
C PHE A 339 10.05 18.33 13.69
N LEU A 340 8.98 18.47 14.46
CA LEU A 340 7.98 17.42 14.61
C LEU A 340 7.36 17.06 13.26
N GLY A 341 7.15 18.08 12.43
CA GLY A 341 6.71 17.90 11.05
C GLY A 341 7.70 17.06 10.27
N PHE A 342 8.99 17.40 10.41
CA PHE A 342 10.06 16.64 9.76
C PHE A 342 10.03 15.16 10.12
N LEU A 343 9.82 14.85 11.41
CA LEU A 343 9.85 13.47 11.89
C LEU A 343 8.67 12.65 11.35
N TRP A 344 7.53 13.33 11.18
CA TRP A 344 6.32 12.77 10.55
C TRP A 344 6.54 12.42 9.08
N PHE A 345 7.10 13.36 8.33
CA PHE A 345 7.33 13.14 6.90
C PHE A 345 8.47 12.16 6.64
N PHE A 346 9.51 12.22 7.49
CA PHE A 346 10.56 11.23 7.46
C PHE A 346 10.02 9.83 7.73
N LEU A 347 9.16 9.72 8.73
CA LEU A 347 8.42 8.48 9.01
C LEU A 347 7.64 8.01 7.78
N LEU A 348 6.89 8.92 7.17
CA LEU A 348 6.13 8.60 5.96
C LEU A 348 7.04 8.13 4.82
N PHE A 349 8.16 8.82 4.62
CA PHE A 349 9.11 8.46 3.57
C PHE A 349 9.65 7.03 3.70
N PHE A 350 10.13 6.69 4.90
CA PHE A 350 10.61 5.32 5.19
C PHE A 350 9.53 4.26 5.05
N ALA A 351 8.31 4.60 5.48
CA ALA A 351 7.16 3.71 5.33
C ALA A 351 6.80 3.49 3.86
N GLY A 352 6.78 4.57 3.08
CA GLY A 352 6.57 4.48 1.65
C GLY A 352 7.68 3.72 0.94
N LEU A 353 8.93 4.04 1.27
CA LEU A 353 10.10 3.44 0.62
C LEU A 353 10.18 1.91 0.75
N THR A 354 9.93 1.40 1.94
CA THR A 354 9.94 -0.05 2.16
C THR A 354 8.79 -0.75 1.39
N SER A 355 7.74 0.00 1.08
CA SER A 355 6.59 -0.54 0.32
C SER A 355 6.75 -0.46 -1.18
N SER A 356 7.26 0.65 -1.68
CA SER A 356 7.41 0.85 -3.10
C SER A 356 8.44 -0.12 -3.72
N ILE A 357 9.49 -0.43 -2.96
CA ILE A 357 10.44 -1.48 -3.40
C ILE A 357 9.76 -2.85 -3.51
N ALA A 358 8.74 -3.08 -2.70
CA ALA A 358 7.94 -4.29 -2.80
C ALA A 358 7.03 -4.36 -4.05
N ILE A 359 6.55 -3.21 -4.53
CA ILE A 359 5.70 -3.19 -5.76
C ILE A 359 6.45 -2.95 -7.07
N MET A 360 7.73 -2.65 -6.98
CA MET A 360 8.60 -2.67 -8.16
C MET A 360 9.28 -4.02 -8.39
N GLN A 361 9.38 -4.83 -7.32
CA GLN A 361 10.09 -6.12 -7.38
C GLN A 361 9.41 -7.20 -8.25
N PRO A 362 8.06 -7.23 -8.32
CA PRO A 362 7.40 -8.15 -9.25
C PRO A 362 7.84 -7.98 -10.71
N MET A 363 7.87 -6.73 -11.20
CA MET A 363 8.32 -6.48 -12.57
C MET A 363 9.81 -6.84 -12.74
N ILE A 364 10.61 -6.53 -11.72
CA ILE A 364 12.02 -6.94 -11.68
C ILE A 364 12.18 -8.45 -11.73
N ALA A 365 11.38 -9.16 -10.92
CA ALA A 365 11.37 -10.62 -10.89
C ALA A 365 10.93 -11.22 -12.23
N PHE A 366 9.95 -10.60 -12.90
CA PHE A 366 9.51 -11.10 -14.21
C PHE A 366 10.63 -11.04 -15.24
N LEU A 367 11.32 -9.91 -15.30
CA LEU A 367 12.39 -9.70 -16.27
C LEU A 367 13.59 -10.64 -16.02
N GLU A 368 13.93 -10.86 -14.75
CA GLU A 368 15.00 -11.79 -14.38
C GLU A 368 14.61 -13.24 -14.66
N ASP A 369 13.47 -13.67 -14.11
CA ASP A 369 13.01 -15.06 -14.21
C ASP A 369 12.63 -15.45 -15.63
N GLU A 370 11.86 -14.61 -16.31
CA GLU A 370 11.22 -15.01 -17.56
C GLU A 370 11.93 -14.52 -18.82
N LEU A 371 12.53 -13.34 -18.75
CA LEU A 371 13.27 -12.78 -19.89
C LEU A 371 14.78 -12.80 -19.72
N LYS A 372 15.24 -13.28 -18.55
CA LYS A 372 16.67 -13.53 -18.29
C LYS A 372 17.58 -12.30 -18.33
N LEU A 373 17.02 -11.13 -18.07
CA LEU A 373 17.83 -9.93 -17.86
C LEU A 373 18.63 -10.06 -16.56
N SER A 374 19.77 -9.37 -16.51
CA SER A 374 20.54 -9.27 -15.27
C SER A 374 19.76 -8.39 -14.28
N ARG A 375 20.10 -8.51 -12.99
CA ARG A 375 19.47 -7.67 -11.97
C ARG A 375 19.55 -6.19 -12.32
N LYS A 376 20.75 -5.74 -12.71
CA LYS A 376 20.98 -4.35 -13.11
C LYS A 376 20.00 -3.87 -14.19
N HIS A 377 19.94 -4.61 -15.30
CA HIS A 377 19.09 -4.25 -16.43
C HIS A 377 17.62 -4.33 -16.08
N ALA A 378 17.25 -5.34 -15.30
CA ALA A 378 15.86 -5.54 -14.90
C ALA A 378 15.37 -4.40 -14.02
N VAL A 379 16.20 -4.00 -13.05
CA VAL A 379 15.91 -2.88 -12.17
C VAL A 379 15.90 -1.56 -12.96
N LEU A 380 16.90 -1.36 -13.82
CA LEU A 380 17.00 -0.09 -14.56
C LEU A 380 15.84 0.14 -15.54
N TRP A 381 15.44 -0.91 -16.26
CA TRP A 381 14.28 -0.85 -17.14
C TRP A 381 12.95 -0.67 -16.40
N THR A 382 12.84 -1.28 -15.22
CA THR A 382 11.63 -1.17 -14.41
C THR A 382 11.46 0.27 -13.87
N ALA A 383 12.58 0.87 -13.49
CA ALA A 383 12.61 2.26 -13.03
C ALA A 383 12.30 3.24 -14.17
N ALA A 384 12.74 2.91 -15.38
CA ALA A 384 12.49 3.73 -16.57
C ALA A 384 11.01 3.76 -16.93
N ILE A 385 10.34 2.61 -16.82
CA ILE A 385 8.90 2.52 -17.06
C ILE A 385 8.08 3.23 -15.98
N VAL A 386 8.48 3.08 -14.71
CA VAL A 386 7.80 3.77 -13.64
C VAL A 386 8.03 5.28 -13.78
N PHE A 387 9.27 5.69 -14.00
CA PHE A 387 9.63 7.11 -14.15
C PHE A 387 8.86 7.79 -15.28
N PHE A 388 8.94 7.21 -16.48
CA PHE A 388 8.22 7.76 -17.63
C PHE A 388 6.71 7.82 -17.38
N SER A 389 6.12 6.69 -16.98
CA SER A 389 4.68 6.60 -16.74
C SER A 389 4.17 7.60 -15.70
N ALA A 390 5.01 7.88 -14.70
CA ALA A 390 4.68 8.81 -13.60
C ALA A 390 4.35 10.22 -14.05
N HIS A 391 4.85 10.62 -15.22
CA HIS A 391 4.57 11.95 -15.79
C HIS A 391 3.08 12.20 -16.05
N LEU A 392 2.33 11.12 -16.14
CA LEU A 392 0.89 11.18 -16.27
C LEU A 392 0.26 11.59 -14.93
N VAL A 393 0.70 10.92 -13.86
CA VAL A 393 0.23 11.21 -12.50
C VAL A 393 0.70 12.61 -12.03
N MET A 394 1.87 13.04 -12.50
CA MET A 394 2.43 14.34 -12.12
C MET A 394 1.74 15.52 -12.81
N PHE A 395 1.31 15.35 -14.07
CA PHE A 395 0.83 16.48 -14.90
C PHE A 395 -0.66 16.47 -15.23
N LEU A 396 -1.35 15.35 -14.96
CA LEU A 396 -2.77 15.26 -15.27
C LEU A 396 -3.63 15.09 -14.02
N ASN A 397 -4.52 16.05 -13.80
CA ASN A 397 -5.33 16.10 -12.58
C ASN A 397 -6.28 14.90 -12.48
N LYS A 398 -6.27 14.25 -11.32
CA LYS A 398 -7.11 13.07 -11.06
C LYS A 398 -6.68 11.78 -11.80
N SER A 399 -5.52 11.81 -12.44
CA SER A 399 -4.94 10.58 -12.97
C SER A 399 -4.55 9.62 -11.84
N LEU A 400 -4.04 10.17 -10.73
CA LEU A 400 -3.69 9.39 -9.55
C LEU A 400 -4.89 8.61 -9.03
N ASP A 401 -6.05 9.27 -8.98
CA ASP A 401 -7.29 8.69 -8.47
C ASP A 401 -7.78 7.56 -9.35
N GLU A 402 -7.63 7.73 -10.67
CA GLU A 402 -8.06 6.73 -11.65
C GLU A 402 -7.23 5.45 -11.56
N MET A 403 -5.90 5.61 -11.50
CA MET A 403 -4.99 4.50 -11.31
C MET A 403 -5.23 3.79 -9.96
N ASP A 404 -5.45 4.57 -8.91
CA ASP A 404 -5.69 4.02 -7.58
C ASP A 404 -6.99 3.25 -7.52
N PHE A 405 -7.97 3.69 -8.30
CA PHE A 405 -9.24 2.96 -8.41
C PHE A 405 -9.09 1.64 -9.16
N TRP A 406 -8.58 1.67 -10.38
CA TRP A 406 -8.57 0.46 -11.22
C TRP A 406 -7.60 -0.62 -10.72
N ALA A 407 -6.40 -0.21 -10.34
CA ALA A 407 -5.40 -1.15 -9.85
C ALA A 407 -5.50 -1.33 -8.34
N GLY A 408 -5.36 -0.23 -7.61
CA GLY A 408 -5.26 -0.26 -6.15
C GLY A 408 -6.53 -0.55 -5.38
N THR A 409 -7.69 -0.48 -6.04
CA THR A 409 -8.97 -0.66 -5.37
C THR A 409 -9.79 -1.82 -5.94
N ILE A 410 -10.18 -1.73 -7.21
CA ILE A 410 -10.93 -2.81 -7.88
C ILE A 410 -10.03 -4.00 -8.22
N GLY A 411 -8.89 -3.69 -8.84
CA GLY A 411 -7.94 -4.70 -9.30
C GLY A 411 -7.54 -5.71 -8.23
N VAL A 412 -7.20 -5.21 -7.04
CA VAL A 412 -6.68 -6.07 -5.97
C VAL A 412 -7.71 -7.06 -5.43
N VAL A 413 -8.96 -6.62 -5.32
CA VAL A 413 -10.04 -7.49 -4.84
C VAL A 413 -10.34 -8.59 -5.88
N PHE A 414 -10.52 -8.18 -7.14
CA PHE A 414 -10.64 -9.10 -8.27
C PHE A 414 -9.48 -10.10 -8.32
N PHE A 415 -8.26 -9.59 -8.15
CA PHE A 415 -7.07 -10.45 -8.25
C PHE A 415 -6.92 -11.38 -7.04
N GLY A 416 -7.37 -10.92 -5.87
CA GLY A 416 -7.41 -11.74 -4.66
C GLY A 416 -8.35 -12.94 -4.80
N LEU A 417 -9.56 -12.67 -5.28
CA LEU A 417 -10.55 -13.71 -5.56
C LEU A 417 -10.04 -14.71 -6.61
N THR A 418 -9.34 -14.18 -7.62
CA THR A 418 -8.78 -14.96 -8.72
C THR A 418 -7.66 -15.92 -8.29
N GLU A 419 -6.69 -15.41 -7.54
CA GLU A 419 -5.59 -16.23 -7.04
C GLU A 419 -6.07 -17.29 -6.04
N LEU A 420 -7.17 -17.00 -5.34
CA LEU A 420 -7.78 -17.97 -4.44
C LEU A 420 -8.50 -19.09 -5.20
N ILE A 421 -9.25 -18.72 -6.25
CA ILE A 421 -9.92 -19.70 -7.12
C ILE A 421 -8.89 -20.59 -7.81
N ILE A 422 -7.80 -19.99 -8.28
CA ILE A 422 -6.73 -20.73 -8.97
C ILE A 422 -5.99 -21.71 -8.02
N PHE A 423 -5.65 -21.23 -6.83
CA PHE A 423 -4.91 -22.05 -5.86
C PHE A 423 -5.79 -23.06 -5.13
N PHE A 424 -6.98 -22.65 -4.72
CA PHE A 424 -7.78 -23.46 -3.80
C PHE A 424 -8.95 -24.20 -4.45
N TRP A 425 -9.22 -23.92 -5.73
CA TRP A 425 -10.34 -24.56 -6.46
C TRP A 425 -9.90 -25.32 -7.71
N ILE A 426 -8.82 -24.85 -8.34
CA ILE A 426 -8.38 -25.43 -9.61
C ILE A 426 -7.16 -26.33 -9.39
N PHE A 427 -6.15 -25.78 -8.72
CA PHE A 427 -4.97 -26.55 -8.32
C PHE A 427 -5.37 -27.68 -7.36
N GLY A 428 -6.32 -27.40 -6.47
CA GLY A 428 -6.85 -28.39 -5.54
C GLY A 428 -6.76 -27.92 -4.10
N ALA A 429 -7.91 -27.93 -3.42
CA ALA A 429 -8.00 -27.47 -2.03
C ALA A 429 -7.09 -28.21 -1.06
N ASP A 430 -6.86 -29.49 -1.33
CA ASP A 430 -6.05 -30.32 -0.44
C ASP A 430 -4.55 -30.20 -0.74
N LYS A 431 -4.22 -30.00 -2.02
CA LYS A 431 -2.85 -29.71 -2.44
C LYS A 431 -2.41 -28.34 -1.91
N ALA A 432 -3.28 -27.34 -2.07
CA ALA A 432 -3.04 -25.98 -1.58
C ALA A 432 -2.76 -25.94 -0.07
N TRP A 433 -3.63 -26.58 0.70
CA TRP A 433 -3.53 -26.65 2.16
C TRP A 433 -2.23 -27.33 2.59
N GLU A 434 -1.89 -28.43 1.90
CA GLU A 434 -0.62 -29.13 2.08
C GLU A 434 0.56 -28.21 1.77
N GLU A 435 0.44 -27.43 0.70
CA GLU A 435 1.49 -26.50 0.31
C GLU A 435 1.68 -25.35 1.32
N ILE A 436 0.56 -24.88 1.91
CA ILE A 436 0.61 -23.83 2.93
C ILE A 436 1.32 -24.30 4.21
N ASN A 437 0.87 -25.43 4.75
CA ASN A 437 1.39 -25.96 6.02
C ASN A 437 2.78 -26.60 5.95
N ARG A 438 3.16 -27.09 4.77
CA ARG A 438 4.47 -27.71 4.56
C ARG A 438 5.61 -26.85 5.10
N GLY A 439 6.39 -27.42 6.02
CA GLY A 439 7.51 -26.72 6.67
C GLY A 439 7.11 -25.76 7.76
N GLY A 440 5.82 -25.73 8.09
CA GLY A 440 5.30 -24.81 9.10
C GLY A 440 5.82 -25.05 10.50
N ILE A 441 6.19 -23.97 11.18
CA ILE A 441 6.52 -24.02 12.60
C ILE A 441 5.24 -24.28 13.40
N ILE A 442 4.21 -23.48 13.13
CA ILE A 442 2.86 -23.77 13.59
C ILE A 442 2.00 -24.21 12.41
N LYS A 443 0.93 -24.93 12.70
CA LYS A 443 -0.05 -25.29 11.68
C LYS A 443 -1.17 -24.27 11.60
N VAL A 444 -1.77 -24.16 10.43
CA VAL A 444 -2.93 -23.28 10.24
C VAL A 444 -4.15 -23.98 10.85
N PRO A 445 -4.87 -23.27 11.74
CA PRO A 445 -6.10 -23.80 12.34
C PRO A 445 -7.03 -24.42 11.31
N ARG A 446 -7.54 -25.61 11.63
CA ARG A 446 -8.38 -26.40 10.73
C ARG A 446 -9.60 -25.66 10.20
N ILE A 447 -10.14 -24.73 10.99
CA ILE A 447 -11.29 -23.92 10.60
C ILE A 447 -11.01 -23.07 9.36
N TYR A 448 -9.74 -22.68 9.19
CA TYR A 448 -9.31 -21.86 8.06
C TYR A 448 -9.32 -22.57 6.71
N TYR A 449 -9.36 -23.90 6.72
CA TYR A 449 -9.50 -24.65 5.48
C TYR A 449 -10.85 -24.34 4.83
N TYR A 450 -11.90 -24.28 5.65
CA TYR A 450 -13.26 -24.01 5.20
C TYR A 450 -13.48 -22.53 4.93
N VAL A 451 -12.73 -21.68 5.64
CA VAL A 451 -12.73 -20.24 5.39
C VAL A 451 -12.15 -19.96 4.00
N MET A 452 -10.96 -20.49 3.74
CA MET A 452 -10.27 -20.31 2.46
C MET A 452 -11.02 -20.89 1.26
N ARG A 453 -11.70 -22.02 1.47
CA ARG A 453 -12.38 -22.71 0.38
C ARG A 453 -13.77 -22.15 0.11
N TYR A 454 -14.50 -21.77 1.15
CA TYR A 454 -15.90 -21.33 1.02
C TYR A 454 -16.17 -19.89 1.45
N ILE A 455 -15.75 -19.52 2.66
CA ILE A 455 -16.14 -18.23 3.26
C ILE A 455 -15.50 -17.03 2.57
N THR A 456 -14.18 -17.05 2.44
CA THR A 456 -13.43 -15.99 1.75
C THR A 456 -13.94 -15.72 0.32
N PRO A 457 -14.00 -16.75 -0.55
CA PRO A 457 -14.44 -16.51 -1.93
C PRO A 457 -15.89 -16.02 -2.05
N ALA A 458 -16.79 -16.54 -1.22
CA ALA A 458 -18.18 -16.07 -1.19
C ALA A 458 -18.26 -14.64 -0.65
N PHE A 459 -17.45 -14.34 0.36
CA PHE A 459 -17.34 -13.00 0.95
C PHE A 459 -16.96 -11.97 -0.12
N LEU A 460 -15.94 -12.29 -0.91
CA LEU A 460 -15.41 -11.38 -1.93
C LEU A 460 -16.29 -11.28 -3.19
N ALA A 461 -16.92 -12.37 -3.57
CA ALA A 461 -17.82 -12.39 -4.72
C ALA A 461 -19.06 -11.55 -4.47
N VAL A 462 -19.62 -11.67 -3.27
CA VAL A 462 -20.80 -10.88 -2.86
C VAL A 462 -20.46 -9.39 -2.84
N LEU A 463 -19.31 -9.06 -2.26
CA LEU A 463 -18.78 -7.70 -2.19
C LEU A 463 -18.65 -7.08 -3.58
N LEU A 464 -18.02 -7.82 -4.50
CA LEU A 464 -17.78 -7.35 -5.86
C LEU A 464 -19.07 -7.19 -6.66
N VAL A 465 -20.09 -7.99 -6.34
CA VAL A 465 -21.40 -7.91 -6.99
C VAL A 465 -22.08 -6.57 -6.69
N VAL A 466 -22.08 -6.19 -5.41
CA VAL A 466 -22.68 -4.93 -4.97
C VAL A 466 -21.89 -3.72 -5.50
N TRP A 467 -20.58 -3.90 -5.63
CA TRP A 467 -19.67 -2.85 -6.11
C TRP A 467 -19.98 -2.44 -7.54
N ALA A 468 -20.06 -3.43 -8.43
CA ALA A 468 -20.23 -3.19 -9.86
C ALA A 468 -21.71 -3.05 -10.26
N ARG A 469 -22.58 -2.86 -9.28
CA ARG A 469 -24.02 -2.70 -9.54
C ARG A 469 -24.63 -1.54 -8.77
N GLU A 470 -23.94 -1.06 -7.74
CA GLU A 470 -24.46 0.03 -6.90
C GLU A 470 -23.46 1.17 -6.67
N TYR A 471 -22.32 1.13 -7.36
CA TYR A 471 -21.26 2.15 -7.16
C TYR A 471 -20.55 2.61 -8.44
N ILE A 472 -20.44 1.72 -9.42
CA ILE A 472 -19.79 2.06 -10.70
C ILE A 472 -20.66 2.99 -11.55
N THR A 479 -17.67 11.24 -14.75
CA THR A 479 -16.40 11.92 -14.55
C THR A 479 -16.02 12.78 -15.76
N HIS A 480 -14.97 13.59 -15.60
CA HIS A 480 -14.40 14.39 -16.68
C HIS A 480 -13.81 13.49 -17.78
N TRP A 481 -13.78 13.99 -19.02
CA TRP A 481 -13.30 13.20 -20.16
C TRP A 481 -11.83 12.77 -20.04
N THR A 482 -11.04 13.54 -19.31
CA THR A 482 -9.60 13.26 -19.14
C THR A 482 -9.27 11.93 -18.40
N VAL A 483 -10.26 11.31 -17.77
CA VAL A 483 -10.06 10.00 -17.13
C VAL A 483 -9.72 8.92 -18.17
N TRP A 484 -10.16 9.14 -19.42
CA TRP A 484 -9.90 8.25 -20.56
C TRP A 484 -8.45 8.21 -21.02
N ILE A 485 -7.72 9.29 -20.81
CA ILE A 485 -6.28 9.35 -21.06
C ILE A 485 -5.57 8.31 -20.18
N THR A 486 -5.98 8.26 -18.92
CA THR A 486 -5.37 7.35 -17.94
C THR A 486 -5.79 5.90 -18.18
N ARG A 487 -7.08 5.69 -18.43
CA ARG A 487 -7.60 4.36 -18.80
C ARG A 487 -6.90 3.83 -20.05
N PHE A 488 -6.86 4.65 -21.10
CA PHE A 488 -6.12 4.32 -22.32
C PHE A 488 -4.68 3.91 -21.97
N TYR A 489 -3.96 4.77 -21.26
CA TYR A 489 -2.55 4.48 -20.96
C TYR A 489 -2.33 3.17 -20.21
N ILE A 490 -3.13 2.92 -19.18
CA ILE A 490 -2.93 1.74 -18.33
C ILE A 490 -3.39 0.45 -19.01
N ILE A 491 -4.42 0.54 -19.86
CA ILE A 491 -4.81 -0.56 -20.74
C ILE A 491 -3.64 -0.93 -21.68
N GLY A 492 -2.98 0.10 -22.22
CA GLY A 492 -1.78 -0.06 -23.03
C GLY A 492 -0.63 -0.71 -22.28
N LEU A 493 -0.50 -0.41 -20.98
CA LEU A 493 0.51 -1.05 -20.14
C LEU A 493 0.20 -2.52 -19.95
N PHE A 494 -1.08 -2.85 -19.79
CA PHE A 494 -1.50 -4.25 -19.69
C PHE A 494 -1.20 -5.02 -20.99
N LEU A 495 -1.45 -4.38 -22.13
CA LEU A 495 -1.21 -5.00 -23.44
C LEU A 495 0.28 -5.20 -23.64
N PHE A 496 1.06 -4.22 -23.21
CA PHE A 496 2.52 -4.28 -23.25
C PHE A 496 3.07 -5.44 -22.40
N LEU A 497 2.50 -5.64 -21.21
CA LEU A 497 2.93 -6.72 -20.33
C LEU A 497 2.49 -8.08 -20.86
N THR A 498 1.34 -8.10 -21.55
CA THR A 498 0.89 -9.29 -22.27
C THR A 498 1.88 -9.63 -23.38
N PHE A 499 2.35 -8.63 -24.12
CA PHE A 499 3.38 -8.86 -25.11
C PHE A 499 4.63 -9.50 -24.51
N LEU A 500 5.07 -9.02 -23.35
CA LEU A 500 6.27 -9.56 -22.69
C LEU A 500 6.08 -11.00 -22.23
N VAL A 501 4.90 -11.33 -21.74
CA VAL A 501 4.57 -12.70 -21.36
C VAL A 501 4.61 -13.61 -22.60
N PHE A 502 4.05 -13.12 -23.70
CA PHE A 502 4.12 -13.81 -25.00
C PHE A 502 5.56 -14.06 -25.44
N LEU A 503 6.42 -13.03 -25.30
CA LEU A 503 7.83 -13.16 -25.64
C LEU A 503 8.58 -14.12 -24.73
N ALA A 504 8.14 -14.21 -23.47
CA ALA A 504 8.74 -15.10 -22.49
C ALA A 504 8.44 -16.58 -22.77
N GLU A 505 7.22 -16.87 -23.23
CA GLU A 505 6.85 -18.23 -23.58
C GLU A 505 7.50 -18.66 -24.91
N ARG A 506 7.83 -17.69 -25.76
CA ARG A 506 8.55 -17.94 -27.01
C ARG A 506 10.03 -18.24 -26.76
N ARG A 507 10.63 -17.51 -25.82
CA ARG A 507 12.03 -17.75 -25.42
C ARG A 507 12.18 -19.15 -24.85
N ARG A 508 11.18 -19.57 -24.05
CA ARG A 508 11.14 -20.88 -23.41
C ARG A 508 11.04 -22.00 -24.46
N ASN A 509 10.36 -21.71 -25.56
CA ASN A 509 10.26 -22.64 -26.69
C ASN A 509 11.60 -22.83 -27.41
N HIS A 510 12.28 -21.72 -27.69
CA HIS A 510 13.60 -21.76 -28.30
C HIS A 510 14.69 -21.81 -27.22
#